data_1TWW
#
_entry.id   1TWW
#
_cell.length_a   98.239
_cell.length_b   98.239
_cell.length_c   262.610
_cell.angle_alpha   90.00
_cell.angle_beta   90.00
_cell.angle_gamma   120.00
#
_symmetry.space_group_name_H-M   'P 62 2 2'
#
loop_
_entity.id
_entity.type
_entity.pdbx_description
1 polymer 'DHPS, Dihydropteroate synthase'
2 non-polymer 'SULFATE ION'
3 non-polymer 6-HYDROXYMETHYLPTERIN-DIPHOSPHATE
4 water water
#
_entity_poly.entity_id   1
_entity_poly.type   'polypeptide(L)'
_entity_poly.pdbx_seq_one_letter_code
;MGSSHHHHHHSSGLVPRGSHMKWDYDLRCGEYTLNLNEKTLIMGILNVTPDSFSDGGSYNEVDAAVRHAKEMRDEGAHII
DIGGESTRPGFAKVSVEEEIKRVVPMIQAVSKEVKLPISIDTYKAEVAKQAIEAGAHIINDIWGAKAEPKIAEVAAHYDV
PIILMHNRDNMNYRNLMADMIADLYDSIKIAKDAGVRDENIILDPGIGFAKTPEQNLEAMRNLEQLNVLGYPVLLGTSRK
SFIGHVLDLPVEERLEGTGATVCLGIEKGCEFVRVHDVKEMSRMAKMMDAMIGKGVK
;
_entity_poly.pdbx_strand_id   A,B
#
# COMPACT_ATOMS: atom_id res chain seq x y z
N LYS A 22 2.64 13.90 -39.70
CA LYS A 22 1.24 14.42 -39.53
C LYS A 22 0.85 15.36 -38.33
N TRP A 23 1.21 15.04 -37.09
CA TRP A 23 1.10 16.02 -35.98
C TRP A 23 2.49 16.61 -35.88
N ASP A 24 2.61 17.93 -35.84
CA ASP A 24 3.91 18.58 -35.93
C ASP A 24 4.42 18.97 -34.55
N TYR A 25 3.75 18.50 -33.51
CA TYR A 25 4.22 18.59 -32.14
C TYR A 25 3.90 17.30 -31.39
N ASP A 26 4.57 17.12 -30.26
CA ASP A 26 4.28 16.12 -29.23
C ASP A 26 3.50 16.73 -28.07
N LEU A 27 2.85 15.86 -27.31
CA LEU A 27 2.00 16.26 -26.19
C LEU A 27 2.93 16.32 -25.03
N ARG A 28 3.22 17.53 -24.60
CA ARG A 28 4.13 17.72 -23.49
C ARG A 28 3.37 17.57 -22.18
N CYS A 29 3.93 16.73 -21.30
CA CYS A 29 3.28 16.33 -20.04
C CYS A 29 4.31 16.32 -18.89
N GLY A 30 5.02 17.42 -18.73
CA GLY A 30 6.02 17.52 -17.67
C GLY A 30 7.16 16.57 -17.91
N GLU A 31 7.39 15.62 -17.02
CA GLU A 31 8.50 14.67 -17.22
C GLU A 31 8.27 13.66 -18.36
N TYR A 32 7.03 13.48 -18.79
CA TYR A 32 6.70 12.56 -19.88
C TYR A 32 6.28 13.29 -21.15
N THR A 33 6.53 12.64 -22.28
CA THR A 33 6.21 13.18 -23.58
C THR A 33 5.54 12.11 -24.44
N LEU A 34 4.34 12.42 -24.94
CA LEU A 34 3.59 11.49 -25.76
C LEU A 34 3.66 11.87 -27.23
N ASN A 35 4.23 11.00 -28.04
CA ASN A 35 4.17 11.15 -29.48
C ASN A 35 2.78 10.76 -30.01
N LEU A 36 2.21 11.71 -30.75
CA LEU A 36 0.91 11.49 -31.40
C LEU A 36 0.94 10.80 -32.77
N ASN A 37 2.12 10.62 -33.38
CA ASN A 37 2.20 9.97 -34.69
C ASN A 37 2.56 8.48 -34.70
N GLU A 38 3.36 7.96 -33.76
CA GLU A 38 3.80 6.56 -33.86
C GLU A 38 2.69 5.55 -33.63
N LYS A 39 1.82 5.84 -32.68
CA LYS A 39 0.85 4.87 -32.24
C LYS A 39 -0.39 5.48 -31.61
N THR A 40 -1.48 4.74 -31.66
CA THR A 40 -2.66 5.08 -30.90
C THR A 40 -2.29 4.93 -29.45
N LEU A 41 -2.53 5.98 -28.66
CA LEU A 41 -2.18 6.01 -27.26
C LEU A 41 -3.33 5.45 -26.44
N ILE A 42 -3.02 4.61 -25.48
CA ILE A 42 -4.01 3.91 -24.68
C ILE A 42 -4.11 4.56 -23.34
N MET A 43 -5.28 5.12 -23.01
CA MET A 43 -5.53 5.62 -21.65
C MET A 43 -6.28 4.55 -20.85
N GLY A 44 -5.68 4.13 -19.74
CA GLY A 44 -6.22 3.00 -18.96
C GLY A 44 -7.03 3.56 -17.81
N ILE A 45 -8.26 3.07 -17.68
CA ILE A 45 -9.19 3.58 -16.67
C ILE A 45 -8.92 2.93 -15.30
N LEU A 46 -8.50 3.75 -14.35
CA LEU A 46 -8.18 3.24 -13.01
C LEU A 46 -9.42 2.91 -12.16
N ASN A 47 -9.34 1.73 -11.54
CA ASN A 47 -10.27 1.19 -10.57
C ASN A 47 -10.13 2.03 -9.32
N VAL A 48 -11.20 2.46 -8.72
CA VAL A 48 -10.92 3.27 -7.58
C VAL A 48 -11.88 3.00 -6.50
N THR A 49 -12.20 1.75 -6.35
CA THR A 49 -13.06 1.29 -5.32
C THR A 49 -12.66 1.92 -3.98
N PRO A 50 -13.53 2.81 -3.46
CA PRO A 50 -13.26 3.45 -2.17
C PRO A 50 -13.63 2.57 -0.99
N ASP A 51 -12.78 2.56 0.02
CA ASP A 51 -13.08 1.97 1.32
C ASP A 51 -14.26 2.68 1.99
N SER A 52 -15.36 1.97 2.19
CA SER A 52 -16.30 2.34 3.25
C SER A 52 -15.39 2.44 4.47
N PHE A 53 -15.77 3.21 5.49
CA PHE A 53 -14.98 3.34 6.73
C PHE A 53 -13.80 4.32 6.65
N SER A 54 -13.61 5.03 5.54
CA SER A 54 -12.47 5.93 5.40
C SER A 54 -12.77 7.22 4.57
N ASP A 55 -12.00 8.28 4.85
CA ASP A 55 -12.11 9.60 4.19
C ASP A 55 -11.42 9.60 2.82
N GLY A 56 -10.52 8.62 2.63
CA GLY A 56 -9.50 8.58 1.60
C GLY A 56 -8.13 8.39 2.26
N GLY A 57 -7.17 7.95 1.46
CA GLY A 57 -5.80 7.74 1.91
C GLY A 57 -5.46 6.36 2.44
N SER A 58 -6.46 5.53 2.75
CA SER A 58 -6.21 4.30 3.49
C SER A 58 -5.53 3.28 2.60
N TYR A 59 -5.00 2.23 3.22
CA TYR A 59 -4.01 1.40 2.56
C TYR A 59 -4.62 0.49 1.53
N ASN A 60 -5.79 -0.06 1.82
CA ASN A 60 -6.44 -1.01 0.90
C ASN A 60 -6.88 -0.37 -0.39
N GLU A 61 -7.42 0.85 -0.30
CA GLU A 61 -7.86 1.55 -1.52
C GLU A 61 -6.66 1.91 -2.37
N VAL A 62 -5.66 2.53 -1.75
CA VAL A 62 -4.56 3.07 -2.52
C VAL A 62 -3.70 1.95 -3.08
N ASP A 63 -3.53 0.88 -2.33
CA ASP A 63 -2.72 -0.26 -2.77
C ASP A 63 -3.36 -0.96 -3.96
N ALA A 64 -4.67 -1.12 -3.91
CA ALA A 64 -5.40 -1.77 -5.02
C ALA A 64 -5.36 -0.85 -6.24
N ALA A 65 -5.39 0.45 -6.00
CA ALA A 65 -5.27 1.40 -7.06
C ALA A 65 -3.88 1.32 -7.67
N VAL A 66 -2.83 1.33 -6.84
CA VAL A 66 -1.46 1.22 -7.35
C VAL A 66 -1.25 -0.10 -8.12
N ARG A 67 -1.77 -1.22 -7.60
CA ARG A 67 -1.51 -2.53 -8.21
C ARG A 67 -2.19 -2.58 -9.55
N HIS A 68 -3.29 -1.85 -9.69
CA HIS A 68 -4.04 -1.86 -10.93
C HIS A 68 -3.33 -1.00 -11.98
N ALA A 69 -2.87 0.18 -11.57
CA ALA A 69 -2.05 1.03 -12.43
C ALA A 69 -0.86 0.25 -12.97
N LYS A 70 -0.25 -0.55 -12.11
CA LYS A 70 0.92 -1.32 -12.46
C LYS A 70 0.59 -2.39 -13.51
N GLU A 71 -0.50 -3.09 -13.28
CA GLU A 71 -1.04 -4.02 -14.25
C GLU A 71 -1.19 -3.35 -15.63
N MET A 72 -1.91 -2.23 -15.67
CA MET A 72 -2.22 -1.56 -16.91
C MET A 72 -0.96 -1.09 -17.61
N ARG A 73 0.01 -0.64 -16.84
CA ARG A 73 1.29 -0.23 -17.41
C ARG A 73 1.97 -1.43 -18.08
N ASP A 74 1.88 -2.60 -17.46
CA ASP A 74 2.46 -3.84 -18.03
C ASP A 74 1.69 -4.34 -19.25
N GLU A 75 0.43 -3.95 -19.36
CA GLU A 75 -0.44 -4.45 -20.43
C GLU A 75 -0.45 -3.54 -21.66
N GLY A 76 0.25 -2.39 -21.58
CA GLY A 76 0.41 -1.46 -22.69
C GLY A 76 -0.19 -0.06 -22.58
N ALA A 77 -0.68 0.33 -21.40
CA ALA A 77 -1.26 1.67 -21.19
C ALA A 77 -0.19 2.76 -21.26
N HIS A 78 -0.54 3.93 -21.81
CA HIS A 78 0.38 5.04 -21.93
C HIS A 78 -0.02 6.17 -20.99
N ILE A 79 -1.29 6.15 -20.55
CA ILE A 79 -1.81 7.10 -19.57
C ILE A 79 -2.64 6.30 -18.58
N ILE A 80 -2.57 6.68 -17.32
CA ILE A 80 -3.49 6.21 -16.30
C ILE A 80 -4.44 7.36 -15.97
N ASP A 81 -5.74 7.12 -16.19
CA ASP A 81 -6.81 8.05 -15.90
C ASP A 81 -7.45 7.73 -14.51
N ILE A 82 -7.55 8.74 -13.65
CA ILE A 82 -7.97 8.53 -12.25
C ILE A 82 -9.16 9.43 -11.89
N GLY A 83 -10.26 8.82 -11.43
CA GLY A 83 -11.47 9.54 -11.03
C GLY A 83 -11.73 9.57 -9.51
N GLY A 84 -12.67 10.41 -9.07
CA GLY A 84 -13.12 10.44 -7.69
C GLY A 84 -14.63 10.27 -7.51
N GLU A 85 -15.34 9.85 -8.58
CA GLU A 85 -16.81 9.76 -8.62
C GLU A 85 -17.35 8.95 -9.85
N SER A 86 -18.08 7.86 -9.58
CA SER A 86 -18.84 7.10 -10.62
C SER A 86 -20.15 6.52 -10.07
N VAL A 94 -20.20 14.75 -5.38
CA VAL A 94 -20.05 13.91 -4.19
C VAL A 94 -19.40 14.66 -3.03
N SER A 95 -19.29 15.98 -3.19
CA SER A 95 -18.61 16.90 -2.25
C SER A 95 -17.15 17.12 -2.67
N VAL A 96 -16.87 18.33 -3.15
CA VAL A 96 -15.54 18.70 -3.63
C VAL A 96 -14.42 18.37 -2.61
N GLU A 97 -14.59 18.66 -1.32
CA GLU A 97 -13.55 18.41 -0.31
C GLU A 97 -13.37 16.91 -0.05
N GLU A 98 -14.48 16.19 -0.11
CA GLU A 98 -14.50 14.72 -0.12
C GLU A 98 -13.75 14.14 -1.33
N GLU A 99 -14.08 14.61 -2.55
CA GLU A 99 -13.50 14.12 -3.81
C GLU A 99 -11.96 14.29 -3.81
N ILE A 100 -11.48 15.40 -3.25
CA ILE A 100 -10.03 15.67 -3.19
C ILE A 100 -9.31 14.70 -2.23
N LYS A 101 -9.91 14.41 -1.08
CA LYS A 101 -9.30 13.48 -0.12
C LYS A 101 -9.25 12.04 -0.67
N ARG A 102 -10.17 11.69 -1.57
CA ARG A 102 -10.13 10.37 -2.20
C ARG A 102 -9.02 10.32 -3.23
N VAL A 103 -8.99 11.32 -4.11
CA VAL A 103 -8.20 11.23 -5.31
C VAL A 103 -6.73 11.65 -5.12
N VAL A 104 -6.47 12.58 -4.21
CA VAL A 104 -5.10 13.08 -4.04
C VAL A 104 -4.14 11.94 -3.65
N PRO A 105 -4.44 11.15 -2.61
CA PRO A 105 -3.55 10.06 -2.19
C PRO A 105 -3.26 9.09 -3.32
N MET A 106 -4.26 8.85 -4.15
CA MET A 106 -4.09 7.95 -5.29
C MET A 106 -3.14 8.46 -6.33
N ILE A 107 -3.32 9.73 -6.70
CA ILE A 107 -2.41 10.37 -7.62
C ILE A 107 -0.95 10.33 -7.05
N GLN A 108 -0.78 10.72 -5.79
CA GLN A 108 0.53 10.66 -5.13
C GLN A 108 1.19 9.28 -5.16
N ALA A 109 0.42 8.24 -4.85
CA ALA A 109 0.97 6.89 -4.82
C ALA A 109 1.29 6.37 -6.22
N VAL A 110 0.35 6.55 -7.14
CA VAL A 110 0.50 6.05 -8.48
C VAL A 110 1.63 6.78 -9.20
N SER A 111 1.73 8.08 -9.02
CA SER A 111 2.72 8.88 -9.74
C SER A 111 4.14 8.61 -9.27
N LYS A 112 4.28 8.19 -8.02
CA LYS A 112 5.60 7.82 -7.47
C LYS A 112 5.96 6.39 -7.91
N GLU A 113 4.97 5.53 -8.01
CA GLU A 113 5.23 4.10 -8.21
C GLU A 113 5.06 3.60 -9.66
N VAL A 114 4.51 4.44 -10.53
CA VAL A 114 4.19 4.06 -11.91
C VAL A 114 4.59 5.17 -12.88
N LYS A 115 5.54 4.87 -13.75
CA LYS A 115 6.16 5.87 -14.60
C LYS A 115 5.40 6.08 -15.88
N LEU A 116 4.34 6.87 -15.74
CA LEU A 116 3.33 7.06 -16.76
C LEU A 116 2.59 8.37 -16.44
N PRO A 117 2.18 9.11 -17.45
CA PRO A 117 1.40 10.32 -17.20
C PRO A 117 0.05 9.95 -16.63
N ILE A 118 -0.37 10.76 -15.66
CA ILE A 118 -1.67 10.60 -15.05
C ILE A 118 -2.58 11.72 -15.49
N SER A 119 -3.81 11.36 -15.85
CA SER A 119 -4.86 12.33 -16.07
C SER A 119 -5.83 12.25 -14.93
N ILE A 120 -6.42 13.40 -14.62
CA ILE A 120 -7.37 13.53 -13.54
C ILE A 120 -8.75 13.73 -14.15
N ASP A 121 -9.63 12.77 -13.84
CA ASP A 121 -10.98 12.77 -14.32
C ASP A 121 -11.85 13.61 -13.42
N THR A 122 -11.88 14.92 -13.68
CA THR A 122 -12.77 15.84 -12.97
C THR A 122 -13.28 16.98 -13.85
N TYR A 123 -14.44 17.54 -13.51
CA TYR A 123 -14.90 18.79 -14.14
C TYR A 123 -14.83 19.98 -13.17
N LYS A 124 -14.19 19.77 -12.02
CA LYS A 124 -14.14 20.79 -10.97
C LYS A 124 -12.75 21.42 -10.95
N ALA A 125 -12.71 22.75 -10.92
CA ALA A 125 -11.44 23.47 -10.94
C ALA A 125 -10.54 23.15 -9.74
N GLU A 126 -11.11 23.15 -8.54
CA GLU A 126 -10.31 22.94 -7.33
C GLU A 126 -9.73 21.52 -7.31
N VAL A 127 -10.56 20.56 -7.71
CA VAL A 127 -10.11 19.18 -7.82
C VAL A 127 -8.98 19.09 -8.82
N ALA A 128 -9.11 19.75 -9.96
CA ALA A 128 -8.07 19.69 -10.97
C ALA A 128 -6.76 20.28 -10.43
N LYS A 129 -6.85 21.44 -9.80
CA LYS A 129 -5.70 22.09 -9.15
C LYS A 129 -4.95 21.19 -8.17
N GLN A 130 -5.63 20.66 -7.17
CA GLN A 130 -4.98 19.77 -6.19
C GLN A 130 -4.42 18.53 -6.86
N ALA A 131 -5.17 17.95 -7.81
CA ALA A 131 -4.72 16.76 -8.52
C ALA A 131 -3.37 16.96 -9.22
N ILE A 132 -3.20 18.13 -9.83
CA ILE A 132 -1.94 18.47 -10.49
C ILE A 132 -0.81 18.76 -9.49
N GLU A 133 -1.12 19.44 -8.39
CA GLU A 133 -0.16 19.67 -7.32
C GLU A 133 0.27 18.33 -6.77
N ALA A 134 -0.66 17.38 -6.78
CA ALA A 134 -0.42 16.06 -6.25
C ALA A 134 0.38 15.22 -7.18
N GLY A 135 0.51 15.63 -8.46
CA GLY A 135 1.28 14.89 -9.46
C GLY A 135 0.59 14.64 -10.81
N ALA A 136 -0.71 14.87 -10.89
CA ALA A 136 -1.43 14.69 -12.16
C ALA A 136 -0.90 15.59 -13.27
N HIS A 137 -0.88 15.07 -14.50
CA HIS A 137 -0.29 15.72 -15.67
C HIS A 137 -1.26 16.25 -16.72
N ILE A 138 -2.49 15.80 -16.72
CA ILE A 138 -3.46 16.08 -17.80
C ILE A 138 -4.81 16.22 -17.15
N ILE A 139 -5.62 17.16 -17.61
CA ILE A 139 -6.97 17.27 -17.08
C ILE A 139 -7.93 16.61 -18.01
N ASN A 140 -8.86 15.88 -17.43
CA ASN A 140 -9.86 15.19 -18.15
C ASN A 140 -11.26 15.65 -17.72
N ASP A 141 -11.85 16.54 -18.51
CA ASP A 141 -13.10 17.18 -18.14
C ASP A 141 -14.29 16.70 -18.99
N ILE A 142 -15.18 15.93 -18.41
CA ILE A 142 -16.35 15.43 -19.13
C ILE A 142 -17.39 16.52 -19.42
N TRP A 143 -17.17 17.73 -18.89
CA TRP A 143 -18.07 18.85 -19.19
C TRP A 143 -17.39 19.91 -20.06
N GLY A 144 -16.20 19.59 -20.58
CA GLY A 144 -15.53 20.40 -21.57
C GLY A 144 -15.38 21.87 -21.19
N ALA A 145 -15.02 22.10 -19.92
CA ALA A 145 -14.87 23.44 -19.30
C ALA A 145 -16.15 24.23 -19.21
N LYS A 146 -17.30 23.61 -19.48
CA LYS A 146 -18.59 24.29 -19.33
C LYS A 146 -19.20 24.23 -17.92
N ALA A 147 -18.83 23.23 -17.11
CA ALA A 147 -19.38 23.11 -15.76
C ALA A 147 -18.67 24.10 -14.86
N GLU A 148 -17.36 24.23 -15.09
CA GLU A 148 -16.52 25.08 -14.25
C GLU A 148 -15.39 25.70 -15.08
N PRO A 149 -15.74 26.79 -15.78
CA PRO A 149 -14.81 27.47 -16.67
C PRO A 149 -13.43 27.73 -16.08
N LYS A 150 -13.35 28.04 -14.78
CA LYS A 150 -12.06 28.22 -14.08
C LYS A 150 -11.13 27.03 -14.24
N ILE A 151 -11.66 25.83 -14.54
CA ILE A 151 -10.81 24.68 -14.79
C ILE A 151 -9.86 24.95 -15.94
N ALA A 152 -10.31 25.67 -16.96
CA ALA A 152 -9.44 26.08 -18.05
C ALA A 152 -8.36 27.01 -17.55
N GLU A 153 -8.71 27.94 -16.65
CA GLU A 153 -7.71 28.80 -15.98
C GLU A 153 -6.64 27.98 -15.24
N VAL A 154 -7.07 26.94 -14.54
CA VAL A 154 -6.15 26.03 -13.90
C VAL A 154 -5.25 25.41 -14.96
N ALA A 155 -5.85 24.88 -16.01
CA ALA A 155 -5.10 24.23 -17.06
C ALA A 155 -4.10 25.19 -17.66
N ALA A 156 -4.53 26.41 -17.91
CA ALA A 156 -3.66 27.42 -18.49
C ALA A 156 -2.47 27.68 -17.57
N HIS A 157 -2.72 27.76 -16.26
CA HIS A 157 -1.66 28.08 -15.33
C HIS A 157 -0.55 27.01 -15.28
N TYR A 158 -0.93 25.76 -15.04
CA TYR A 158 0.02 24.67 -14.91
C TYR A 158 0.50 24.21 -16.28
N ASP A 159 -0.08 24.77 -17.34
CA ASP A 159 0.38 24.54 -18.70
C ASP A 159 0.27 23.06 -19.06
N VAL A 160 -0.92 22.49 -18.81
CA VAL A 160 -1.15 21.08 -19.01
C VAL A 160 -2.21 20.75 -20.07
N PRO A 161 -2.06 19.61 -20.71
CA PRO A 161 -3.08 19.18 -21.67
C PRO A 161 -4.42 19.03 -20.99
N ILE A 162 -5.50 19.45 -21.64
CA ILE A 162 -6.84 19.25 -21.10
C ILE A 162 -7.71 18.61 -22.17
N ILE A 163 -8.44 17.58 -21.76
CA ILE A 163 -9.40 16.92 -22.63
C ILE A 163 -10.76 17.57 -22.52
N LEU A 164 -11.28 18.08 -23.63
CA LEU A 164 -12.59 18.72 -23.64
C LEU A 164 -13.53 17.74 -24.27
N MET A 165 -14.41 17.19 -23.44
CA MET A 165 -15.36 16.19 -23.90
C MET A 165 -16.66 16.84 -24.30
N HIS A 166 -17.26 16.33 -25.35
CA HIS A 166 -18.60 16.77 -25.71
C HIS A 166 -19.66 16.31 -24.70
N ASN A 167 -20.49 17.25 -24.31
CA ASN A 167 -21.47 16.97 -23.28
C ASN A 167 -22.51 18.08 -23.28
N ARG A 168 -23.69 17.74 -22.85
CA ARG A 168 -24.72 18.76 -22.67
C ARG A 168 -25.81 18.18 -21.77
N ASP A 169 -26.74 19.03 -21.34
CA ASP A 169 -27.77 18.60 -20.42
C ASP A 169 -29.05 18.12 -21.13
N ASN A 170 -28.99 17.85 -22.44
CA ASN A 170 -30.17 17.43 -23.23
C ASN A 170 -29.81 16.66 -24.51
N MET A 171 -30.75 15.96 -25.12
CA MET A 171 -30.49 15.27 -26.41
C MET A 171 -31.23 15.89 -27.60
N ASN A 172 -31.51 17.18 -27.50
CA ASN A 172 -32.28 17.83 -28.54
C ASN A 172 -31.33 18.39 -29.60
N TYR A 173 -30.95 17.54 -30.53
CA TYR A 173 -30.07 17.92 -31.60
C TYR A 173 -30.90 18.22 -32.84
N ARG A 174 -30.45 19.21 -33.60
CA ARG A 174 -30.94 19.51 -34.93
C ARG A 174 -30.17 18.61 -35.91
N ASN A 175 -28.85 18.63 -35.84
CA ASN A 175 -27.96 17.78 -36.64
C ASN A 175 -26.86 17.40 -35.66
N LEU A 176 -26.88 16.13 -35.26
CA LEU A 176 -25.98 15.60 -34.22
C LEU A 176 -24.55 16.09 -34.37
N MET A 177 -23.94 15.83 -35.53
CA MET A 177 -22.52 16.06 -35.69
C MET A 177 -22.16 17.52 -35.77
N ALA A 178 -23.01 18.26 -36.46
CA ALA A 178 -22.85 19.68 -36.59
C ALA A 178 -22.90 20.36 -35.23
N ASP A 179 -23.84 19.91 -34.42
CA ASP A 179 -24.04 20.41 -33.06
C ASP A 179 -22.95 19.97 -32.13
N MET A 180 -22.47 18.75 -32.24
CA MET A 180 -21.36 18.33 -31.39
C MET A 180 -20.15 19.23 -31.64
N ILE A 181 -19.88 19.50 -32.90
CA ILE A 181 -18.72 20.27 -33.31
C ILE A 181 -18.85 21.71 -32.89
N ALA A 182 -20.02 22.27 -33.08
CA ALA A 182 -20.37 23.54 -32.46
C ALA A 182 -20.11 23.48 -31.00
N ASP A 183 -20.65 22.48 -30.32
CA ASP A 183 -20.55 22.43 -28.85
C ASP A 183 -19.13 22.32 -28.44
N LEU A 184 -18.36 21.53 -29.18
CA LEU A 184 -16.94 21.39 -28.93
C LEU A 184 -16.27 22.72 -29.12
N TYR A 185 -16.61 23.46 -30.17
CA TYR A 185 -16.02 24.77 -30.34
C TYR A 185 -16.26 25.70 -29.17
N ASP A 186 -17.45 25.62 -28.56
CA ASP A 186 -17.76 26.46 -27.42
C ASP A 186 -16.79 26.10 -26.30
N SER A 187 -16.46 24.81 -26.13
CA SER A 187 -15.45 24.42 -25.14
C SER A 187 -14.08 24.96 -25.50
N ILE A 188 -13.73 24.96 -26.76
CA ILE A 188 -12.40 25.44 -27.17
C ILE A 188 -12.25 26.92 -26.90
N LYS A 189 -13.22 27.74 -27.30
CA LYS A 189 -13.19 29.18 -27.01
C LYS A 189 -13.05 29.48 -25.51
N ILE A 190 -13.63 28.67 -24.63
CA ILE A 190 -13.50 28.89 -23.20
C ILE A 190 -12.06 28.57 -22.79
N ALA A 191 -11.54 27.46 -23.31
CA ALA A 191 -10.17 27.05 -23.01
C ALA A 191 -9.20 28.13 -23.48
N LYS A 192 -9.39 28.63 -24.68
CA LYS A 192 -8.47 29.61 -25.27
C LYS A 192 -8.52 30.99 -24.66
N ASP A 193 -9.71 31.40 -24.25
CA ASP A 193 -9.92 32.68 -23.66
C ASP A 193 -9.22 32.73 -22.35
N ALA A 194 -9.12 31.58 -21.68
CA ALA A 194 -8.43 31.49 -20.39
C ALA A 194 -6.93 31.27 -20.53
N GLY A 195 -6.45 31.19 -21.75
CA GLY A 195 -5.02 31.14 -22.05
C GLY A 195 -4.49 29.77 -22.45
N VAL A 196 -5.38 28.76 -22.57
CA VAL A 196 -4.95 27.44 -22.98
C VAL A 196 -4.43 27.46 -24.44
N ARG A 197 -3.25 26.87 -24.64
CA ARG A 197 -2.60 26.80 -25.94
C ARG A 197 -3.17 25.66 -26.75
N ASP A 198 -3.23 25.86 -28.05
CA ASP A 198 -3.79 24.84 -28.92
C ASP A 198 -3.19 23.45 -28.68
N GLU A 199 -1.87 23.41 -28.42
CA GLU A 199 -1.11 22.17 -28.24
C GLU A 199 -1.54 21.35 -27.02
N ASN A 200 -2.21 22.03 -26.09
CA ASN A 200 -2.72 21.39 -24.91
C ASN A 200 -4.18 21.06 -25.00
N ILE A 201 -4.76 21.11 -26.20
CA ILE A 201 -6.18 20.83 -26.32
C ILE A 201 -6.38 19.49 -27.01
N ILE A 202 -7.14 18.64 -26.33
CA ILE A 202 -7.61 17.38 -26.90
C ILE A 202 -9.12 17.40 -26.85
N LEU A 203 -9.76 16.82 -27.86
CA LEU A 203 -11.19 16.80 -27.97
C LEU A 203 -11.65 15.37 -27.75
N ASP A 204 -12.93 15.20 -27.42
CA ASP A 204 -13.47 13.88 -27.21
C ASP A 204 -14.94 13.97 -27.56
N PRO A 205 -15.47 13.09 -28.40
CA PRO A 205 -16.87 13.18 -28.83
C PRO A 205 -17.88 12.92 -27.70
N GLY A 206 -17.43 12.51 -26.53
CA GLY A 206 -18.30 12.14 -25.44
C GLY A 206 -19.38 11.12 -25.77
N ILE A 207 -18.97 9.98 -26.31
CA ILE A 207 -19.87 8.86 -26.60
C ILE A 207 -20.42 8.37 -25.28
N GLY A 208 -21.72 8.18 -25.25
CA GLY A 208 -22.37 7.73 -24.06
C GLY A 208 -22.80 8.87 -23.17
N PHE A 209 -22.66 10.10 -23.65
CA PHE A 209 -23.17 11.25 -22.93
C PHE A 209 -24.08 12.06 -23.77
N ALA A 210 -25.23 12.43 -23.17
CA ALA A 210 -26.26 13.23 -23.80
C ALA A 210 -26.62 12.72 -25.18
N LYS A 211 -26.70 11.40 -25.32
CA LYS A 211 -26.93 10.81 -26.63
C LYS A 211 -27.78 9.53 -26.50
N THR A 212 -28.74 9.37 -27.39
CA THR A 212 -29.51 8.12 -27.43
C THR A 212 -28.57 7.07 -27.94
N PRO A 213 -28.91 5.79 -27.78
CA PRO A 213 -28.11 4.72 -28.37
C PRO A 213 -27.87 4.93 -29.85
N GLU A 214 -28.90 5.36 -30.58
CA GLU A 214 -28.78 5.48 -32.04
C GLU A 214 -27.89 6.71 -32.33
N GLN A 215 -27.97 7.75 -31.52
CA GLN A 215 -27.06 8.87 -31.69
C GLN A 215 -25.60 8.52 -31.40
N ASN A 216 -25.34 7.66 -30.42
CA ASN A 216 -23.97 7.17 -30.16
C ASN A 216 -23.39 6.48 -31.37
N LEU A 217 -24.16 5.63 -32.02
CA LEU A 217 -23.76 4.92 -33.24
C LEU A 217 -23.50 5.88 -34.38
N GLU A 218 -24.36 6.88 -34.51
CA GLU A 218 -24.22 7.89 -35.55
C GLU A 218 -22.93 8.68 -35.37
N ALA A 219 -22.59 8.98 -34.12
CA ALA A 219 -21.35 9.68 -33.83
C ALA A 219 -20.14 8.85 -34.16
N MET A 220 -20.09 7.62 -33.65
CA MET A 220 -19.08 6.65 -34.11
C MET A 220 -18.97 6.65 -35.61
N ARG A 221 -20.07 6.48 -36.29
CA ARG A 221 -20.10 6.42 -37.77
C ARG A 221 -19.52 7.67 -38.46
N ASN A 222 -19.54 8.82 -37.79
CA ASN A 222 -19.05 10.09 -38.36
C ASN A 222 -17.93 10.74 -37.60
N LEU A 223 -17.23 9.97 -36.78
CA LEU A 223 -16.22 10.52 -35.92
C LEU A 223 -15.11 11.29 -36.67
N GLU A 224 -14.77 10.85 -37.87
CA GLU A 224 -13.74 11.56 -38.63
C GLU A 224 -14.05 13.07 -38.83
N GLN A 225 -15.33 13.44 -38.84
CA GLN A 225 -15.67 14.87 -38.90
C GLN A 225 -14.99 15.73 -37.82
N LEU A 226 -14.65 15.16 -36.67
CA LEU A 226 -14.07 15.96 -35.60
C LEU A 226 -12.68 16.45 -35.98
N ASN A 227 -12.02 15.70 -36.85
CA ASN A 227 -10.72 16.05 -37.34
C ASN A 227 -10.65 17.41 -37.97
N VAL A 228 -11.74 17.93 -38.53
CA VAL A 228 -11.56 19.23 -39.16
C VAL A 228 -11.23 20.36 -38.13
N LEU A 229 -11.48 20.12 -36.85
CA LEU A 229 -11.21 21.13 -35.84
C LEU A 229 -9.69 21.32 -35.57
N GLY A 230 -8.90 20.34 -35.98
CA GLY A 230 -7.46 20.39 -35.96
C GLY A 230 -6.83 19.90 -34.67
N TYR A 231 -7.58 19.23 -33.82
CA TYR A 231 -7.04 18.76 -32.55
C TYR A 231 -7.06 17.26 -32.41
N PRO A 232 -6.12 16.75 -31.63
CA PRO A 232 -6.14 15.32 -31.33
C PRO A 232 -7.45 14.96 -30.66
N VAL A 233 -7.92 13.76 -30.95
CA VAL A 233 -9.20 13.28 -30.48
C VAL A 233 -8.96 12.06 -29.58
N LEU A 234 -9.57 12.04 -28.39
CA LEU A 234 -9.65 10.86 -27.56
C LEU A 234 -11.08 10.26 -27.65
N LEU A 235 -11.15 8.93 -27.78
CA LEU A 235 -12.43 8.24 -27.86
C LEU A 235 -12.61 7.36 -26.62
N GLY A 236 -13.79 7.44 -25.99
CA GLY A 236 -14.08 6.68 -24.79
C GLY A 236 -15.37 5.94 -24.90
N THR A 237 -15.30 4.68 -25.26
CA THR A 237 -16.51 3.89 -25.49
C THR A 237 -16.55 2.65 -24.61
N SER A 238 -15.53 2.47 -23.78
CA SER A 238 -15.29 1.22 -23.07
C SER A 238 -16.49 0.71 -22.28
N ARG A 239 -16.97 -0.45 -22.67
CA ARG A 239 -18.06 -1.14 -21.99
C ARG A 239 -19.36 -0.34 -21.89
N LYS A 240 -19.48 0.75 -22.61
CA LYS A 240 -20.60 1.65 -22.36
C LYS A 240 -21.91 0.99 -22.81
N SER A 241 -22.99 1.57 -22.33
CA SER A 241 -24.29 0.98 -22.53
C SER A 241 -24.72 0.85 -24.00
N PHE A 242 -24.22 1.68 -24.92
CA PHE A 242 -24.66 1.55 -26.32
C PHE A 242 -24.16 0.29 -27.01
N ILE A 243 -23.07 -0.28 -26.50
CA ILE A 243 -22.61 -1.58 -26.93
C ILE A 243 -23.56 -2.64 -26.43
N GLY A 244 -23.98 -2.53 -25.17
CA GLY A 244 -24.98 -3.41 -24.62
C GLY A 244 -26.28 -3.37 -25.41
N HIS A 245 -26.65 -2.19 -25.88
CA HIS A 245 -27.92 -2.02 -26.57
C HIS A 245 -27.89 -2.73 -27.88
N VAL A 246 -26.74 -2.68 -28.55
CA VAL A 246 -26.56 -3.38 -29.82
C VAL A 246 -26.45 -4.90 -29.64
N LEU A 247 -25.64 -5.33 -28.68
CA LEU A 247 -25.30 -6.74 -28.52
C LEU A 247 -26.22 -7.50 -27.58
N ASP A 248 -26.97 -6.74 -26.79
CA ASP A 248 -27.77 -7.32 -25.73
C ASP A 248 -26.88 -8.19 -24.86
N LEU A 249 -25.86 -7.54 -24.31
CA LEU A 249 -24.95 -8.15 -23.34
C LEU A 249 -24.65 -7.16 -22.21
N PRO A 250 -24.46 -7.68 -20.99
CA PRO A 250 -24.17 -6.85 -19.84
C PRO A 250 -22.74 -6.37 -19.85
N VAL A 251 -22.45 -5.42 -18.96
CA VAL A 251 -21.20 -4.65 -18.93
C VAL A 251 -19.93 -5.50 -19.04
N GLU A 252 -19.95 -6.68 -18.44
CA GLU A 252 -18.74 -7.52 -18.38
C GLU A 252 -18.59 -8.45 -19.58
N GLU A 253 -19.52 -8.38 -20.53
CA GLU A 253 -19.47 -9.17 -21.77
C GLU A 253 -19.36 -8.24 -23.01
N ARG A 254 -18.68 -7.11 -22.82
CA ARG A 254 -18.64 -6.07 -23.84
C ARG A 254 -17.28 -5.83 -24.49
N LEU A 255 -16.37 -6.76 -24.27
CA LEU A 255 -14.99 -6.65 -24.77
C LEU A 255 -14.86 -6.64 -26.31
N GLU A 256 -15.62 -7.50 -26.97
CA GLU A 256 -15.64 -7.53 -28.44
C GLU A 256 -16.36 -6.31 -29.01
N GLY A 257 -17.42 -5.93 -28.37
CA GLY A 257 -18.09 -4.70 -28.74
C GLY A 257 -17.22 -3.49 -28.60
N THR A 258 -16.46 -3.40 -27.49
CA THR A 258 -15.58 -2.24 -27.21
C THR A 258 -14.51 -2.23 -28.29
N GLY A 259 -13.97 -3.41 -28.52
CA GLY A 259 -12.89 -3.55 -29.47
C GLY A 259 -13.33 -3.02 -30.81
N ALA A 260 -14.55 -3.33 -31.23
CA ALA A 260 -15.04 -2.85 -32.51
C ALA A 260 -15.01 -1.37 -32.53
N THR A 261 -15.46 -0.73 -31.46
CA THR A 261 -15.55 0.72 -31.44
C THR A 261 -14.15 1.34 -31.47
N VAL A 262 -13.18 0.70 -30.81
CA VAL A 262 -11.79 1.17 -30.82
C VAL A 262 -11.21 1.09 -32.21
N CYS A 263 -11.46 -0.02 -32.89
CA CYS A 263 -10.99 -0.21 -34.23
C CYS A 263 -11.53 0.84 -35.13
N LEU A 264 -12.84 1.07 -35.06
CA LEU A 264 -13.46 2.02 -35.98
C LEU A 264 -12.97 3.41 -35.64
N GLY A 265 -12.80 3.69 -34.35
CA GLY A 265 -12.25 4.98 -33.89
C GLY A 265 -10.86 5.26 -34.47
N ILE A 266 -10.03 4.22 -34.49
CA ILE A 266 -8.68 4.39 -34.97
C ILE A 266 -8.67 4.52 -36.48
N GLU A 267 -9.46 3.72 -37.18
CA GLU A 267 -9.55 3.97 -38.61
C GLU A 267 -10.01 5.43 -38.94
N LYS A 268 -10.81 6.02 -38.07
CA LYS A 268 -11.31 7.37 -38.26
C LYS A 268 -10.39 8.46 -37.71
N GLY A 269 -9.15 8.11 -37.32
CA GLY A 269 -8.16 9.12 -36.91
C GLY A 269 -7.96 9.45 -35.43
N CYS A 270 -8.54 8.70 -34.53
CA CYS A 270 -8.35 8.96 -33.09
C CYS A 270 -6.89 8.75 -32.72
N GLU A 271 -6.40 9.62 -31.84
CA GLU A 271 -5.08 9.57 -31.29
C GLU A 271 -5.01 8.79 -29.99
N PHE A 272 -6.10 8.74 -29.24
CA PHE A 272 -6.16 8.01 -27.96
C PHE A 272 -7.42 7.20 -27.85
N VAL A 273 -7.38 6.09 -27.11
CA VAL A 273 -8.60 5.46 -26.64
C VAL A 273 -8.52 5.25 -25.14
N ARG A 274 -9.64 5.46 -24.46
CA ARG A 274 -9.76 5.30 -23.02
C ARG A 274 -10.55 4.04 -22.73
N VAL A 275 -9.91 3.06 -22.09
CA VAL A 275 -10.40 1.70 -22.03
C VAL A 275 -10.13 1.02 -20.68
N HIS A 276 -10.95 0.03 -20.33
CA HIS A 276 -10.74 -0.72 -19.11
C HIS A 276 -9.80 -1.91 -19.40
N ASP A 277 -9.99 -2.55 -20.54
CA ASP A 277 -9.34 -3.82 -20.83
C ASP A 277 -8.05 -3.54 -21.57
N VAL A 278 -7.04 -3.07 -20.86
CA VAL A 278 -5.88 -2.51 -21.51
C VAL A 278 -5.14 -3.56 -22.34
N LYS A 279 -4.89 -4.73 -21.80
CA LYS A 279 -4.19 -5.74 -22.58
C LYS A 279 -4.85 -5.99 -23.94
N GLU A 280 -6.14 -6.28 -23.95
CA GLU A 280 -6.82 -6.65 -25.18
C GLU A 280 -6.82 -5.48 -26.19
N MET A 281 -7.13 -4.28 -25.70
CA MET A 281 -7.32 -3.14 -26.59
C MET A 281 -6.01 -2.63 -27.12
N SER A 282 -4.99 -2.84 -26.32
CA SER A 282 -3.65 -2.50 -26.71
C SER A 282 -3.24 -3.23 -27.95
N ARG A 283 -3.57 -4.52 -27.95
CA ARG A 283 -3.28 -5.40 -29.06
C ARG A 283 -4.10 -5.05 -30.27
N MET A 284 -5.38 -4.73 -30.10
CA MET A 284 -6.20 -4.35 -31.25
C MET A 284 -5.73 -3.02 -31.80
N ALA A 285 -5.38 -2.09 -30.94
CA ALA A 285 -4.88 -0.81 -31.40
C ALA A 285 -3.58 -1.00 -32.21
N LYS A 286 -2.66 -1.79 -31.67
CA LYS A 286 -1.40 -2.07 -32.30
C LYS A 286 -1.56 -2.69 -33.69
N MET A 287 -2.51 -3.62 -33.83
CA MET A 287 -2.76 -4.21 -35.16
C MET A 287 -3.42 -3.19 -36.10
N MET A 288 -4.31 -2.35 -35.58
CA MET A 288 -4.97 -1.37 -36.43
C MET A 288 -3.91 -0.41 -36.97
N ASP A 289 -3.11 0.14 -36.05
CA ASP A 289 -1.96 1.00 -36.40
C ASP A 289 -1.12 0.44 -37.54
N ALA A 290 -0.79 -0.85 -37.48
CA ALA A 290 0.06 -1.43 -38.52
C ALA A 290 -0.72 -1.45 -39.81
N MET A 291 -2.00 -1.75 -39.73
CA MET A 291 -2.81 -1.80 -40.94
C MET A 291 -2.96 -0.43 -41.54
N ILE A 292 -3.30 0.57 -40.76
CA ILE A 292 -3.65 1.85 -41.39
C ILE A 292 -2.39 2.63 -41.71
N GLY A 293 -1.25 2.20 -41.19
CA GLY A 293 0.04 2.76 -41.53
C GLY A 293 0.50 3.85 -40.59
N LYS A 294 -0.02 3.86 -39.35
CA LYS A 294 0.42 4.79 -38.30
C LYS A 294 1.73 4.25 -37.69
N LYS B 22 17.36 -31.87 21.54
CA LYS B 22 17.31 -31.06 22.78
C LYS B 22 15.93 -30.49 23.14
N TRP B 23 15.24 -29.77 22.24
CA TRP B 23 13.84 -29.38 22.50
C TRP B 23 13.03 -30.49 21.89
N ASP B 24 12.06 -31.01 22.61
CA ASP B 24 11.32 -32.18 22.13
C ASP B 24 9.96 -31.81 21.49
N TYR B 25 9.77 -30.52 21.29
CA TYR B 25 8.69 -30.01 20.49
C TYR B 25 9.16 -28.80 19.65
N ASP B 26 8.34 -28.47 18.66
CA ASP B 26 8.45 -27.27 17.85
C ASP B 26 7.43 -26.27 18.35
N LEU B 27 7.62 -25.01 17.97
CA LEU B 27 6.78 -23.91 18.38
C LEU B 27 5.70 -23.79 17.34
N ARG B 28 4.50 -24.22 17.72
CA ARG B 28 3.38 -24.21 16.79
C ARG B 28 2.76 -22.83 16.71
N CYS B 29 2.69 -22.33 15.48
CA CYS B 29 2.24 -20.98 15.19
C CYS B 29 1.24 -20.95 14.03
N GLY B 30 0.14 -21.72 14.15
CA GLY B 30 -0.89 -21.75 13.13
C GLY B 30 -0.35 -22.32 11.83
N GLU B 31 -0.37 -21.55 10.76
CA GLU B 31 0.17 -22.05 9.50
C GLU B 31 1.71 -22.21 9.47
N TYR B 32 2.42 -21.58 10.41
CA TYR B 32 3.88 -21.68 10.50
C TYR B 32 4.35 -22.50 11.69
N THR B 33 5.51 -23.11 11.55
CA THR B 33 6.08 -23.94 12.59
C THR B 33 7.53 -23.60 12.72
N LEU B 34 7.96 -23.21 13.92
CA LEU B 34 9.34 -22.82 14.18
C LEU B 34 10.03 -23.96 14.90
N ASN B 35 11.09 -24.48 14.31
CA ASN B 35 11.95 -25.41 14.98
C ASN B 35 12.91 -24.66 15.93
N LEU B 36 12.93 -25.11 17.18
CA LEU B 36 13.85 -24.57 18.18
C LEU B 36 15.24 -25.21 18.21
N ASN B 37 15.48 -26.29 17.47
CA ASN B 37 16.80 -26.91 17.54
C ASN B 37 17.78 -26.52 16.41
N GLU B 38 17.30 -26.27 15.18
CA GLU B 38 18.23 -26.08 14.05
C GLU B 38 19.06 -24.79 14.16
N LYS B 39 18.43 -23.74 14.63
CA LYS B 39 19.04 -22.45 14.53
C LYS B 39 18.46 -21.47 15.52
N THR B 40 19.25 -20.49 15.87
CA THR B 40 18.75 -19.34 16.62
C THR B 40 17.76 -18.63 15.73
N LEU B 41 16.59 -18.33 16.26
CA LEU B 41 15.54 -17.69 15.52
C LEU B 41 15.66 -16.18 15.66
N ILE B 42 15.48 -15.47 14.56
CA ILE B 42 15.60 -14.05 14.50
C ILE B 42 14.23 -13.43 14.47
N MET B 43 13.89 -12.65 15.48
CA MET B 43 12.70 -11.81 15.46
C MET B 43 13.05 -10.39 15.05
N GLY B 44 12.45 -9.92 13.95
CA GLY B 44 12.83 -8.66 13.34
C GLY B 44 11.88 -7.59 13.83
N ILE B 45 12.44 -6.48 14.32
CA ILE B 45 11.61 -5.41 14.88
C ILE B 45 11.07 -4.50 13.76
N LEU B 46 9.76 -4.54 13.55
CA LEU B 46 9.12 -3.72 12.51
C LEU B 46 9.06 -2.22 12.88
N ASN B 47 9.55 -1.40 11.94
CA ASN B 47 9.39 0.05 11.91
C ASN B 47 7.90 0.39 11.88
N VAL B 48 7.38 0.94 12.97
CA VAL B 48 5.94 1.22 13.04
C VAL B 48 5.58 2.70 12.57
N THR B 49 6.40 3.70 12.97
CA THR B 49 6.40 5.10 12.41
C THR B 49 5.05 5.73 11.97
N PRO B 50 4.42 6.54 12.83
CA PRO B 50 3.13 7.19 12.50
C PRO B 50 3.15 8.21 11.33
N GLY B 56 -4.63 6.50 11.75
CA GLY B 56 -4.07 5.17 11.54
C GLY B 56 -4.65 4.40 10.33
N GLY B 57 -3.84 3.51 9.76
CA GLY B 57 -4.24 2.75 8.57
C GLY B 57 -3.96 3.34 7.18
N SER B 58 -3.20 4.44 7.09
CA SER B 58 -2.98 5.13 5.82
C SER B 58 -1.99 4.40 4.92
N TYR B 59 -1.97 4.77 3.66
CA TYR B 59 -1.27 4.02 2.64
C TYR B 59 0.25 4.12 2.91
N ASN B 60 0.70 5.29 3.33
CA ASN B 60 2.12 5.51 3.56
C ASN B 60 2.68 4.77 4.76
N GLU B 61 1.92 4.70 5.86
CA GLU B 61 2.40 3.97 7.02
C GLU B 61 2.45 2.48 6.70
N VAL B 62 1.34 1.97 6.15
CA VAL B 62 1.20 0.53 6.01
C VAL B 62 2.18 -0.01 4.97
N ASP B 63 2.31 0.74 3.88
CA ASP B 63 3.20 0.37 2.78
C ASP B 63 4.63 0.32 3.23
N ALA B 64 5.05 1.29 4.04
CA ALA B 64 6.44 1.36 4.56
C ALA B 64 6.66 0.20 5.52
N ALA B 65 5.60 -0.16 6.23
CA ALA B 65 5.66 -1.27 7.17
C ALA B 65 5.75 -2.59 6.39
N VAL B 66 4.98 -2.73 5.34
CA VAL B 66 5.07 -3.95 4.52
C VAL B 66 6.47 -4.05 3.89
N ARG B 67 6.99 -2.92 3.39
CA ARG B 67 8.23 -2.94 2.60
C ARG B 67 9.35 -3.30 3.54
N HIS B 68 9.22 -2.91 4.80
CA HIS B 68 10.23 -3.21 5.78
C HIS B 68 10.21 -4.67 6.16
N ALA B 69 9.02 -5.20 6.47
CA ALA B 69 8.82 -6.63 6.73
C ALA B 69 9.42 -7.47 5.61
N LYS B 70 9.20 -7.02 4.39
CA LYS B 70 9.69 -7.75 3.24
C LYS B 70 11.22 -7.77 3.24
N GLU B 71 11.84 -6.62 3.53
CA GLU B 71 13.28 -6.46 3.67
C GLU B 71 13.85 -7.45 4.70
N MET B 72 13.26 -7.46 5.90
CA MET B 72 13.71 -8.29 6.99
C MET B 72 13.55 -9.76 6.62
N ARG B 73 12.46 -10.09 5.93
CA ARG B 73 12.28 -11.46 5.49
C ARG B 73 13.41 -11.90 4.55
N ASP B 74 13.84 -11.00 3.67
CA ASP B 74 14.91 -11.27 2.74
C ASP B 74 16.29 -11.34 3.42
N GLU B 75 16.38 -10.73 4.58
CA GLU B 75 17.64 -10.59 5.29
C GLU B 75 17.85 -11.70 6.32
N GLY B 76 16.84 -12.56 6.52
CA GLY B 76 16.94 -13.71 7.42
C GLY B 76 15.97 -13.80 8.59
N ALA B 77 15.07 -12.83 8.76
CA ALA B 77 14.11 -12.83 9.87
C ALA B 77 13.13 -14.03 9.83
N HIS B 78 12.84 -14.61 10.98
CA HIS B 78 11.93 -15.76 11.08
C HIS B 78 10.60 -15.36 11.71
N ILE B 79 10.61 -14.24 12.42
CA ILE B 79 9.40 -13.65 12.99
C ILE B 79 9.43 -12.15 12.73
N ILE B 80 8.28 -11.54 12.43
CA ILE B 80 8.14 -10.09 12.41
C ILE B 80 7.40 -9.64 13.67
N ASP B 81 8.05 -8.80 14.48
CA ASP B 81 7.44 -8.27 15.68
C ASP B 81 6.89 -6.88 15.40
N ILE B 82 5.62 -6.64 15.72
CA ILE B 82 4.91 -5.41 15.36
C ILE B 82 4.34 -4.73 16.62
N GLY B 83 4.67 -3.46 16.86
CA GLY B 83 4.32 -2.79 18.10
C GLY B 83 3.50 -1.49 17.98
N GLY B 84 2.60 -1.25 18.96
CA GLY B 84 1.58 -0.23 18.84
C GLY B 84 1.77 1.18 19.43
N GLU B 85 2.68 1.33 20.42
CA GLU B 85 2.80 2.62 21.18
C GLU B 85 3.94 3.58 20.71
N VAL B 94 -1.13 5.63 24.02
CA VAL B 94 -2.45 6.19 24.32
C VAL B 94 -3.49 5.06 24.51
N SER B 95 -4.76 5.36 24.21
CA SER B 95 -5.88 4.45 24.47
C SER B 95 -5.77 3.19 23.63
N VAL B 96 -6.43 2.12 24.06
CA VAL B 96 -6.33 0.83 23.38
C VAL B 96 -7.05 0.83 22.02
N GLU B 97 -8.07 1.67 21.82
CA GLU B 97 -8.76 1.70 20.52
C GLU B 97 -7.90 2.46 19.52
N GLU B 98 -7.18 3.48 19.97
CA GLU B 98 -6.14 4.13 19.16
C GLU B 98 -5.06 3.13 18.73
N GLU B 99 -4.53 2.38 19.70
CA GLU B 99 -3.47 1.40 19.47
C GLU B 99 -3.97 0.31 18.50
N ILE B 100 -5.22 -0.09 18.61
CA ILE B 100 -5.77 -1.14 17.75
C ILE B 100 -5.91 -0.64 16.32
N LYS B 101 -6.36 0.60 16.12
CA LYS B 101 -6.53 1.16 14.78
C LYS B 101 -5.20 1.34 14.07
N ARG B 102 -4.11 1.52 14.83
CA ARG B 102 -2.77 1.63 14.24
C ARG B 102 -2.26 0.27 13.86
N VAL B 103 -2.40 -0.71 14.74
CA VAL B 103 -1.69 -1.96 14.59
C VAL B 103 -2.45 -2.99 13.76
N VAL B 104 -3.78 -3.00 13.80
CA VAL B 104 -4.56 -4.02 13.06
C VAL B 104 -4.32 -3.98 11.53
N PRO B 105 -4.38 -2.80 10.90
CA PRO B 105 -4.12 -2.71 9.47
C PRO B 105 -2.73 -3.22 9.08
N MET B 106 -1.77 -2.99 9.95
CA MET B 106 -0.40 -3.47 9.72
C MET B 106 -0.24 -4.97 9.77
N ILE B 107 -0.81 -5.57 10.79
CA ILE B 107 -0.85 -7.01 10.89
C ILE B 107 -1.55 -7.58 9.62
N GLN B 108 -2.73 -7.08 9.29
CA GLN B 108 -3.45 -7.52 8.09
C GLN B 108 -2.63 -7.45 6.81
N ALA B 109 -2.01 -6.32 6.56
CA ALA B 109 -1.21 -6.17 5.36
C ALA B 109 0.05 -7.07 5.37
N VAL B 110 0.74 -7.09 6.50
CA VAL B 110 2.00 -7.85 6.59
C VAL B 110 1.72 -9.35 6.49
N SER B 111 0.67 -9.80 7.13
CA SER B 111 0.37 -11.24 7.17
C SER B 111 -0.10 -11.79 5.82
N LYS B 112 -0.68 -10.92 5.00
CA LYS B 112 -1.09 -11.31 3.67
C LYS B 112 0.12 -11.28 2.75
N GLU B 113 1.02 -10.35 2.95
CA GLU B 113 2.06 -10.08 1.97
C GLU B 113 3.43 -10.65 2.32
N VAL B 114 3.59 -11.17 3.52
CA VAL B 114 4.88 -11.67 4.02
C VAL B 114 4.67 -12.96 4.78
N LYS B 115 5.26 -14.02 4.27
CA LYS B 115 5.00 -15.37 4.78
C LYS B 115 5.92 -15.74 5.93
N LEU B 116 5.52 -15.26 7.10
CA LEU B 116 6.31 -15.32 8.33
C LEU B 116 5.36 -15.13 9.51
N PRO B 117 5.65 -15.77 10.62
CA PRO B 117 4.85 -15.53 11.82
C PRO B 117 5.04 -14.13 12.32
N ILE B 118 3.92 -13.54 12.72
CA ILE B 118 3.93 -12.20 13.34
C ILE B 118 3.65 -12.32 14.80
N SER B 119 4.41 -11.57 15.57
CA SER B 119 4.12 -11.41 16.98
C SER B 119 3.63 -10.02 17.16
N ILE B 120 2.71 -9.86 18.10
CA ILE B 120 2.12 -8.58 18.47
C ILE B 120 2.71 -8.06 19.78
N ASP B 121 3.39 -6.92 19.69
CA ASP B 121 4.06 -6.31 20.82
C ASP B 121 3.11 -5.48 21.66
N THR B 122 2.39 -6.13 22.57
CA THR B 122 1.45 -5.43 23.46
C THR B 122 1.33 -6.09 24.84
N TYR B 123 1.01 -5.30 25.86
CA TYR B 123 0.69 -5.89 27.17
C TYR B 123 -0.80 -5.83 27.48
N LYS B 124 -1.61 -5.44 26.50
CA LYS B 124 -3.04 -5.21 26.72
C LYS B 124 -3.78 -6.35 26.10
N ALA B 125 -4.76 -6.91 26.84
CA ALA B 125 -5.52 -8.08 26.39
C ALA B 125 -6.36 -7.81 25.14
N GLU B 126 -7.03 -6.67 25.08
CA GLU B 126 -7.90 -6.38 23.94
C GLU B 126 -7.05 -6.21 22.66
N VAL B 127 -5.93 -5.51 22.79
CA VAL B 127 -5.02 -5.35 21.68
C VAL B 127 -4.50 -6.69 21.18
N ALA B 128 -4.19 -7.59 22.11
CA ALA B 128 -3.69 -8.92 21.74
C ALA B 128 -4.79 -9.69 21.01
N LYS B 129 -6.00 -9.66 21.53
CA LYS B 129 -7.13 -10.33 20.89
C LYS B 129 -7.34 -9.86 19.43
N GLN B 130 -7.49 -8.57 19.19
CA GLN B 130 -7.73 -8.06 17.84
C GLN B 130 -6.55 -8.35 16.92
N ALA B 131 -5.35 -8.22 17.47
CA ALA B 131 -4.14 -8.48 16.71
C ALA B 131 -4.15 -9.90 16.17
N ILE B 132 -4.60 -10.84 16.99
CA ILE B 132 -4.65 -12.25 16.58
C ILE B 132 -5.76 -12.49 15.55
N GLU B 133 -6.92 -11.90 15.77
CA GLU B 133 -8.02 -11.97 14.81
C GLU B 133 -7.60 -11.38 13.49
N ALA B 134 -6.70 -10.39 13.57
CA ALA B 134 -6.20 -9.70 12.40
C ALA B 134 -5.15 -10.52 11.66
N GLY B 135 -4.59 -11.54 12.31
CA GLY B 135 -3.57 -12.40 11.70
C GLY B 135 -2.31 -12.67 12.53
N ALA B 136 -2.09 -11.95 13.64
CA ALA B 136 -0.95 -12.17 14.52
C ALA B 136 -0.94 -13.59 15.11
N HIS B 137 0.24 -14.17 15.27
CA HIS B 137 0.44 -15.56 15.68
C HIS B 137 1.01 -15.78 17.10
N ILE B 138 1.62 -14.75 17.69
CA ILE B 138 2.40 -14.87 18.94
C ILE B 138 2.16 -13.60 19.74
N ILE B 139 1.96 -13.72 21.04
CA ILE B 139 1.83 -12.51 21.83
C ILE B 139 3.17 -12.20 22.45
N ASN B 140 3.53 -10.93 22.42
CA ASN B 140 4.74 -10.42 23.00
C ASN B 140 4.46 -9.38 24.08
N ASP B 141 4.57 -9.81 25.33
CA ASP B 141 4.15 -9.00 26.46
C ASP B 141 5.33 -8.59 27.31
N ILE B 142 5.72 -7.32 27.21
CA ILE B 142 6.78 -6.75 28.06
C ILE B 142 6.43 -6.67 29.53
N TRP B 143 5.20 -6.98 29.92
CA TRP B 143 4.83 -6.97 31.33
C TRP B 143 4.51 -8.37 31.82
N GLY B 144 4.77 -9.36 30.96
CA GLY B 144 4.76 -10.76 31.36
C GLY B 144 3.48 -11.19 32.01
N ALA B 145 2.37 -10.75 31.43
CA ALA B 145 1.00 -10.97 31.91
C ALA B 145 0.66 -10.31 33.27
N LYS B 146 1.54 -9.44 33.76
CA LYS B 146 1.31 -8.79 35.04
C LYS B 146 0.59 -7.43 34.90
N ALA B 147 0.59 -6.86 33.72
CA ALA B 147 -0.13 -5.61 33.51
C ALA B 147 -1.62 -5.89 33.32
N GLU B 148 -1.90 -6.97 32.60
CA GLU B 148 -3.24 -7.34 32.19
C GLU B 148 -3.34 -8.85 32.11
N PRO B 149 -3.55 -9.49 33.26
CA PRO B 149 -3.63 -10.95 33.37
C PRO B 149 -4.52 -11.63 32.35
N LYS B 150 -5.60 -10.98 31.94
CA LYS B 150 -6.51 -11.49 30.92
C LYS B 150 -5.83 -11.73 29.59
N ILE B 151 -4.68 -11.11 29.35
CA ILE B 151 -3.91 -11.39 28.15
C ILE B 151 -3.56 -12.87 28.09
N ALA B 152 -3.22 -13.49 29.21
CA ALA B 152 -2.99 -14.92 29.25
C ALA B 152 -4.23 -15.71 28.88
N GLU B 153 -5.38 -15.27 29.37
CA GLU B 153 -6.66 -15.85 28.94
C GLU B 153 -6.85 -15.80 27.44
N VAL B 154 -6.46 -14.67 26.85
CA VAL B 154 -6.50 -14.52 25.39
C VAL B 154 -5.59 -15.54 24.74
N ALA B 155 -4.36 -15.59 25.21
CA ALA B 155 -3.36 -16.51 24.71
C ALA B 155 -3.88 -17.93 24.78
N ALA B 156 -4.46 -18.27 25.92
CA ALA B 156 -4.94 -19.63 26.17
C ALA B 156 -6.02 -19.96 25.14
N HIS B 157 -6.89 -19.00 24.85
CA HIS B 157 -8.01 -19.27 23.97
C HIS B 157 -7.61 -19.52 22.53
N TYR B 158 -6.76 -18.65 22.00
CA TYR B 158 -6.28 -18.78 20.62
C TYR B 158 -5.15 -19.81 20.52
N ASP B 159 -4.71 -20.31 21.67
CA ASP B 159 -3.72 -21.37 21.72
C ASP B 159 -2.42 -20.92 21.05
N VAL B 160 -1.95 -19.74 21.42
CA VAL B 160 -0.77 -19.17 20.78
C VAL B 160 0.42 -19.04 21.75
N PRO B 161 1.63 -19.06 21.20
CA PRO B 161 2.81 -18.78 22.02
C PRO B 161 2.76 -17.40 22.60
N ILE B 162 3.20 -17.25 23.84
CA ILE B 162 3.29 -15.92 24.46
C ILE B 162 4.64 -15.74 25.07
N ILE B 163 5.26 -14.61 24.78
CA ILE B 163 6.50 -14.24 25.38
C ILE B 163 6.24 -13.49 26.66
N LEU B 164 6.78 -14.01 27.75
CA LEU B 164 6.64 -13.38 29.07
C LEU B 164 7.93 -12.77 29.43
N MET B 165 8.00 -11.44 29.33
CA MET B 165 9.28 -10.72 29.57
C MET B 165 9.42 -10.34 31.00
N HIS B 166 10.62 -10.44 31.54
CA HIS B 166 10.88 -9.91 32.86
C HIS B 166 10.72 -8.39 32.89
N ASN B 167 10.05 -7.92 33.92
CA ASN B 167 9.77 -6.50 34.08
C ASN B 167 9.30 -6.27 35.51
N ARG B 168 9.48 -5.05 35.99
CA ARG B 168 8.89 -4.64 37.26
C ARG B 168 8.98 -3.12 37.43
N ASP B 169 8.28 -2.58 38.42
CA ASP B 169 8.18 -1.12 38.52
C ASP B 169 9.31 -0.50 39.38
N ASN B 170 10.38 -1.26 39.62
CA ASN B 170 11.50 -0.80 40.44
C ASN B 170 12.81 -1.54 40.16
N MET B 171 13.93 -0.99 40.60
CA MET B 171 15.23 -1.65 40.49
C MET B 171 15.79 -2.14 41.80
N ASN B 172 14.92 -2.44 42.75
CA ASN B 172 15.37 -2.83 44.07
C ASN B 172 15.48 -4.34 44.14
N TYR B 173 16.64 -4.84 43.75
CA TYR B 173 16.92 -6.26 43.75
C TYR B 173 17.82 -6.67 44.89
N ARG B 174 17.47 -7.80 45.51
CA ARG B 174 18.26 -8.40 46.58
C ARG B 174 19.36 -9.26 45.92
N ASN B 175 18.96 -10.03 44.92
CA ASN B 175 19.88 -10.82 44.09
C ASN B 175 19.26 -10.85 42.70
N LEU B 176 19.86 -10.09 41.79
CA LEU B 176 19.27 -9.80 40.49
C LEU B 176 18.69 -11.00 39.85
N MET B 177 19.50 -12.02 39.65
CA MET B 177 19.08 -13.19 38.86
C MET B 177 18.06 -14.08 39.55
N ALA B 178 18.22 -14.23 40.85
CA ALA B 178 17.32 -14.99 41.67
C ALA B 178 15.98 -14.34 41.61
N ASP B 179 15.96 -13.01 41.71
CA ASP B 179 14.72 -12.23 41.62
C ASP B 179 14.09 -12.24 40.26
N MET B 180 14.88 -12.19 39.21
CA MET B 180 14.30 -12.18 37.87
C MET B 180 13.62 -13.51 37.63
N ILE B 181 14.23 -14.58 38.10
CA ILE B 181 13.69 -15.92 37.93
C ILE B 181 12.42 -16.08 38.74
N ALA B 182 12.47 -15.70 39.99
CA ALA B 182 11.26 -15.52 40.79
C ALA B 182 10.17 -14.73 40.04
N ASP B 183 10.51 -13.56 39.54
CA ASP B 183 9.52 -12.71 38.88
C ASP B 183 9.03 -13.40 37.65
N LEU B 184 9.92 -14.01 36.91
CA LEU B 184 9.52 -14.79 35.73
C LEU B 184 8.57 -15.93 36.12
N TYR B 185 8.85 -16.63 37.21
CA TYR B 185 7.93 -17.66 37.66
C TYR B 185 6.57 -17.09 37.95
N ASP B 186 6.48 -15.91 38.57
CA ASP B 186 5.19 -15.27 38.87
C ASP B 186 4.37 -15.09 37.57
N SER B 187 5.05 -14.68 36.49
CA SER B 187 4.42 -14.60 35.17
C SER B 187 3.97 -15.96 34.64
N ILE B 188 4.77 -17.01 34.83
CA ILE B 188 4.42 -18.34 34.36
C ILE B 188 3.18 -18.85 35.07
N LYS B 189 3.12 -18.73 36.40
CA LYS B 189 1.94 -19.18 37.13
C LYS B 189 0.69 -18.47 36.62
N ILE B 190 0.80 -17.19 36.27
CA ILE B 190 -0.39 -16.49 35.75
C ILE B 190 -0.78 -17.10 34.39
N ALA B 191 0.19 -17.30 33.54
CA ALA B 191 -0.07 -17.90 32.24
C ALA B 191 -0.74 -19.27 32.39
N LYS B 192 -0.22 -20.10 33.28
CA LYS B 192 -0.70 -21.49 33.42
C LYS B 192 -2.07 -21.59 34.08
N ASP B 193 -2.32 -20.69 35.03
CA ASP B 193 -3.57 -20.63 35.73
C ASP B 193 -4.67 -20.32 34.75
N ALA B 194 -4.35 -19.53 33.73
CA ALA B 194 -5.33 -19.14 32.73
C ALA B 194 -5.46 -20.16 31.62
N GLY B 195 -4.62 -21.19 31.67
CA GLY B 195 -4.73 -22.34 30.78
C GLY B 195 -3.67 -22.40 29.69
N VAL B 196 -2.67 -21.51 29.74
CA VAL B 196 -1.57 -21.54 28.78
C VAL B 196 -0.70 -22.78 28.97
N ARG B 197 -0.45 -23.49 27.88
CA ARG B 197 0.33 -24.73 27.89
C ARG B 197 1.79 -24.41 27.89
N ASP B 198 2.55 -25.26 28.56
CA ASP B 198 3.97 -25.03 28.66
C ASP B 198 4.61 -24.74 27.31
N GLU B 199 4.21 -25.50 26.28
CA GLU B 199 4.80 -25.38 24.93
C GLU B 199 4.56 -24.03 24.28
N ASN B 200 3.64 -23.25 24.82
CA ASN B 200 3.38 -21.91 24.33
C ASN B 200 4.00 -20.85 25.20
N ILE B 201 4.95 -21.21 26.06
CA ILE B 201 5.59 -20.20 26.92
C ILE B 201 7.01 -19.97 26.48
N ILE B 202 7.31 -18.70 26.23
CA ILE B 202 8.67 -18.22 26.03
C ILE B 202 9.04 -17.17 27.12
N LEU B 203 10.29 -17.19 27.57
CA LEU B 203 10.72 -16.29 28.60
C LEU B 203 11.68 -15.30 27.99
N ASP B 204 11.80 -14.14 28.60
CA ASP B 204 12.70 -13.14 28.11
C ASP B 204 13.24 -12.41 29.33
N PRO B 205 14.56 -12.22 29.47
CA PRO B 205 15.13 -11.57 30.67
C PRO B 205 14.82 -10.07 30.80
N GLY B 206 14.17 -9.47 29.81
CA GLY B 206 13.85 -8.06 29.80
C GLY B 206 15.05 -7.16 30.01
N ILE B 207 16.09 -7.36 29.20
CA ILE B 207 17.28 -6.49 29.26
C ILE B 207 16.89 -5.06 28.85
N GLY B 208 17.24 -4.10 29.66
CA GLY B 208 16.89 -2.74 29.39
C GLY B 208 15.58 -2.32 30.04
N PHE B 209 15.04 -3.17 30.91
CA PHE B 209 13.84 -2.83 31.69
C PHE B 209 14.08 -3.10 33.16
N ALA B 210 13.71 -2.10 33.97
CA ALA B 210 13.83 -2.11 35.41
C ALA B 210 15.22 -2.53 35.84
N LYS B 211 16.21 -2.02 35.15
CA LYS B 211 17.60 -2.43 35.39
C LYS B 211 18.58 -1.27 35.16
N THR B 212 19.54 -1.12 36.06
CA THR B 212 20.61 -0.16 35.83
C THR B 212 21.48 -0.73 34.74
N PRO B 213 22.30 0.11 34.13
CA PRO B 213 23.27 -0.38 33.14
C PRO B 213 24.11 -1.54 33.65
N GLU B 214 24.54 -1.46 34.90
CA GLU B 214 25.43 -2.48 35.47
C GLU B 214 24.58 -3.75 35.70
N GLN B 215 23.33 -3.60 36.10
CA GLN B 215 22.44 -4.77 36.22
C GLN B 215 22.16 -5.43 34.87
N ASN B 216 22.00 -4.66 33.79
CA ASN B 216 21.84 -5.26 32.45
C ASN B 216 23.02 -6.15 32.09
N LEU B 217 24.22 -5.70 32.38
CA LEU B 217 25.44 -6.43 32.09
C LEU B 217 25.52 -7.67 32.93
N GLU B 218 25.04 -7.59 34.17
CA GLU B 218 25.06 -8.73 35.08
C GLU B 218 24.06 -9.81 34.57
N ALA B 219 22.94 -9.35 34.02
CA ALA B 219 21.97 -10.30 33.50
C ALA B 219 22.52 -11.00 32.27
N MET B 220 22.97 -10.24 31.27
CA MET B 220 23.71 -10.83 30.15
C MET B 220 24.77 -11.86 30.63
N ARG B 221 25.56 -11.45 31.64
CA ARG B 221 26.62 -12.32 32.14
C ARG B 221 26.12 -13.63 32.75
N ASN B 222 24.87 -13.67 33.23
CA ASN B 222 24.30 -14.84 33.88
C ASN B 222 23.05 -15.41 33.23
N LEU B 223 22.87 -15.09 31.93
CA LEU B 223 21.66 -15.43 31.25
C LEU B 223 21.36 -16.93 31.27
N GLU B 224 22.38 -17.75 31.21
CA GLU B 224 22.17 -19.17 31.18
C GLU B 224 21.36 -19.72 32.37
N GLN B 225 21.39 -19.01 33.50
CA GLN B 225 20.55 -19.37 34.63
C GLN B 225 19.08 -19.50 34.25
N LEU B 226 18.60 -18.75 33.27
CA LEU B 226 17.19 -18.79 32.94
C LEU B 226 16.82 -20.16 32.42
N ASN B 227 17.78 -20.84 31.82
CA ASN B 227 17.53 -22.15 31.27
C ASN B 227 17.00 -23.15 32.28
N VAL B 228 17.24 -22.98 33.59
CA VAL B 228 16.75 -24.01 34.51
C VAL B 228 15.22 -24.05 34.57
N LEU B 229 14.56 -22.97 34.15
CA LEU B 229 13.12 -22.90 34.18
C LEU B 229 12.49 -23.84 33.18
N GLY B 230 13.26 -24.26 32.17
CA GLY B 230 12.84 -25.22 31.17
C GLY B 230 12.09 -24.67 29.96
N TYR B 231 12.11 -23.36 29.74
CA TYR B 231 11.43 -22.76 28.58
C TYR B 231 12.37 -22.01 27.66
N PRO B 232 12.01 -21.98 26.39
CA PRO B 232 12.79 -21.20 25.45
C PRO B 232 12.86 -19.75 25.94
N VAL B 233 13.98 -19.12 25.59
CA VAL B 233 14.33 -17.79 26.01
C VAL B 233 14.59 -16.93 24.75
N LEU B 234 13.96 -15.75 24.77
CA LEU B 234 14.18 -14.73 23.76
C LEU B 234 14.94 -13.60 24.40
N LEU B 235 15.99 -13.15 23.71
CA LEU B 235 16.82 -12.04 24.17
C LEU B 235 16.68 -10.81 23.26
N GLY B 236 16.42 -9.66 23.93
CA GLY B 236 16.17 -8.41 23.24
C GLY B 236 17.08 -7.31 23.69
N THR B 237 18.17 -7.07 23.00
CA THR B 237 19.14 -6.07 23.46
C THR B 237 19.40 -5.02 22.44
N SER B 238 18.72 -5.13 21.28
CA SER B 238 19.04 -4.36 20.07
C SER B 238 19.11 -2.86 20.30
N ARG B 239 20.31 -2.34 20.09
CA ARG B 239 20.60 -0.90 20.19
C ARG B 239 20.28 -0.25 21.53
N LYS B 240 20.08 -1.04 22.58
CA LYS B 240 19.52 -0.50 23.80
C LYS B 240 20.56 0.40 24.43
N SER B 241 20.10 1.16 25.40
CA SER B 241 20.95 2.15 26.02
C SER B 241 22.17 1.53 26.80
N PHE B 242 22.06 0.32 27.32
CA PHE B 242 23.22 -0.21 28.07
C PHE B 242 24.45 -0.46 27.20
N ILE B 243 24.23 -0.63 25.90
CA ILE B 243 25.31 -0.73 24.93
C ILE B 243 25.91 0.66 24.76
N GLY B 244 25.06 1.67 24.64
CA GLY B 244 25.53 3.05 24.61
C GLY B 244 26.34 3.39 25.85
N HIS B 245 25.88 2.92 27.01
CA HIS B 245 26.54 3.25 28.25
C HIS B 245 27.98 2.71 28.23
N VAL B 246 28.14 1.48 27.74
CA VAL B 246 29.46 0.85 27.69
C VAL B 246 30.36 1.49 26.63
N LEU B 247 29.84 1.66 25.42
CA LEU B 247 30.63 2.08 24.27
C LEU B 247 30.66 3.59 24.09
N ASP B 248 29.80 4.31 24.79
CA ASP B 248 29.67 5.73 24.58
C ASP B 248 29.48 5.99 23.09
N LEU B 249 28.40 5.42 22.57
CA LEU B 249 27.95 5.65 21.21
C LEU B 249 26.43 5.78 21.20
N PRO B 250 25.90 6.61 20.30
CA PRO B 250 24.45 6.80 20.17
C PRO B 250 23.76 5.66 19.47
N VAL B 251 22.44 5.64 19.53
CA VAL B 251 21.61 4.53 19.08
C VAL B 251 21.93 3.95 17.69
N GLU B 252 22.40 4.77 16.77
CA GLU B 252 22.66 4.31 15.41
C GLU B 252 24.07 3.76 15.21
N GLU B 253 24.89 3.80 16.25
CA GLU B 253 26.26 3.33 16.21
C GLU B 253 26.44 2.16 17.17
N ARG B 254 25.38 1.34 17.30
CA ARG B 254 25.33 0.24 18.28
C ARG B 254 25.24 -1.16 17.67
N LEU B 255 25.52 -1.27 16.40
CA LEU B 255 25.48 -2.55 15.72
C LEU B 255 26.52 -3.58 16.23
N GLU B 256 27.75 -3.15 16.48
CA GLU B 256 28.77 -4.04 16.98
C GLU B 256 28.47 -4.37 18.42
N GLY B 257 28.01 -3.41 19.18
CA GLY B 257 27.62 -3.67 20.55
C GLY B 257 26.49 -4.67 20.63
N THR B 258 25.52 -4.54 19.73
CA THR B 258 24.32 -5.39 19.74
C THR B 258 24.76 -6.81 19.42
N GLY B 259 25.64 -6.89 18.43
CA GLY B 259 26.11 -8.16 17.95
C GLY B 259 26.83 -8.90 19.03
N ALA B 260 27.60 -8.21 19.86
CA ALA B 260 28.24 -8.87 20.96
C ALA B 260 27.21 -9.48 21.88
N THR B 261 26.12 -8.78 22.14
CA THR B 261 25.14 -9.26 23.11
C THR B 261 24.44 -10.51 22.51
N VAL B 262 24.16 -10.46 21.23
CA VAL B 262 23.55 -11.54 20.55
C VAL B 262 24.43 -12.79 20.63
N CYS B 263 25.70 -12.60 20.38
CA CYS B 263 26.64 -13.69 20.42
C CYS B 263 26.68 -14.31 21.80
N LEU B 264 26.81 -13.46 22.79
CA LEU B 264 26.92 -13.98 24.13
C LEU B 264 25.60 -14.65 24.52
N GLY B 265 24.45 -14.08 24.12
CA GLY B 265 23.13 -14.66 24.39
C GLY B 265 22.98 -16.05 23.77
N ILE B 266 23.52 -16.23 22.58
CA ILE B 266 23.42 -17.52 21.90
C ILE B 266 24.34 -18.50 22.56
N GLU B 267 25.55 -18.09 22.90
CA GLU B 267 26.40 -19.03 23.60
C GLU B 267 25.77 -19.45 24.95
N LYS B 268 24.94 -18.61 25.54
CA LYS B 268 24.25 -18.95 26.77
C LYS B 268 22.88 -19.66 26.58
N GLY B 269 22.58 -20.13 25.37
CA GLY B 269 21.40 -20.95 25.11
C GLY B 269 20.12 -20.27 24.70
N CYS B 270 20.17 -19.03 24.23
CA CYS B 270 18.96 -18.36 23.74
C CYS B 270 18.49 -19.03 22.46
N GLU B 271 17.18 -19.17 22.35
CA GLU B 271 16.52 -19.67 21.17
C GLU B 271 16.11 -18.57 20.18
N PHE B 272 15.91 -17.34 20.65
CA PHE B 272 15.55 -16.22 19.78
C PHE B 272 16.30 -14.98 20.17
N VAL B 273 16.59 -14.13 19.17
CA VAL B 273 17.00 -12.76 19.42
C VAL B 273 16.12 -11.83 18.60
N ARG B 274 15.74 -10.71 19.23
CA ARG B 274 14.89 -9.68 18.70
C ARG B 274 15.73 -8.46 18.41
N VAL B 275 15.85 -8.13 17.14
CA VAL B 275 16.86 -7.22 16.60
C VAL B 275 16.34 -6.31 15.50
N HIS B 276 16.99 -5.15 15.33
CA HIS B 276 16.65 -4.22 14.26
C HIS B 276 17.46 -4.55 13.01
N ASP B 277 18.73 -4.93 13.21
CA ASP B 277 19.65 -5.10 12.09
C ASP B 277 19.68 -6.53 11.64
N VAL B 278 18.61 -6.93 10.95
CA VAL B 278 18.37 -8.32 10.72
C VAL B 278 19.50 -8.92 9.91
N LYS B 279 19.84 -8.33 8.77
CA LYS B 279 20.89 -8.91 7.92
C LYS B 279 22.16 -9.25 8.72
N GLU B 280 22.68 -8.26 9.44
CA GLU B 280 23.93 -8.37 10.18
C GLU B 280 23.87 -9.42 11.30
N MET B 281 22.81 -9.35 12.09
CA MET B 281 22.63 -10.26 13.24
C MET B 281 22.33 -11.65 12.82
N SER B 282 21.65 -11.79 11.70
CA SER B 282 21.38 -13.08 11.12
C SER B 282 22.66 -13.84 10.85
N ARG B 283 23.63 -13.11 10.30
CA ARG B 283 24.93 -13.68 9.96
C ARG B 283 25.74 -14.04 11.19
N MET B 284 25.69 -13.19 12.22
CA MET B 284 26.37 -13.48 13.47
C MET B 284 25.75 -14.69 14.16
N ALA B 285 24.43 -14.73 14.18
CA ALA B 285 23.70 -15.84 14.77
C ALA B 285 24.01 -17.12 14.02
N LYS B 286 24.25 -17.03 12.56
CA LYS B 286 24.32 -18.26 11.78
C LYS B 286 25.72 -18.88 11.80
N MET B 287 26.79 -17.83 12.39
CA MET B 287 28.17 -18.30 12.64
C MET B 287 28.31 -18.84 14.07
N MET B 288 27.56 -18.25 15.02
CA MET B 288 27.54 -18.73 16.40
C MET B 288 26.98 -20.14 16.46
N ASP B 289 25.83 -20.34 15.83
CA ASP B 289 25.19 -21.65 15.77
C ASP B 289 26.16 -22.74 15.27
N ALA B 290 26.94 -22.44 14.24
CA ALA B 290 27.84 -23.40 13.67
C ALA B 290 28.92 -23.63 14.69
N MET B 291 29.36 -22.59 15.39
CA MET B 291 30.44 -22.78 16.36
C MET B 291 30.00 -23.56 17.57
N ILE B 292 28.84 -23.23 18.10
CA ILE B 292 28.42 -23.94 19.31
C ILE B 292 27.78 -25.31 18.98
N GLY B 293 27.48 -25.58 17.71
CA GLY B 293 27.00 -26.89 17.28
C GLY B 293 25.49 -27.05 17.35
N LYS B 294 24.77 -25.94 17.27
CA LYS B 294 23.31 -25.93 17.08
C LYS B 294 22.97 -26.30 15.61
#